data_2VY3
#
_entry.id   2VY3
#
_cell.length_a   73.336
_cell.length_b   84.610
_cell.length_c   126.680
_cell.angle_alpha   90.00
_cell.angle_beta   90.00
_cell.angle_gamma   90.00
#
_symmetry.space_group_name_H-M   'P 21 21 21'
#
loop_
_entity.id
_entity.type
_entity.pdbx_description
1 polymer 'CELL FILAMENTATION PROTEIN'
2 non-polymer 'NICKEL (II) ION'
3 non-polymer 'CHLORIDE ION'
4 water water
#
_entity_poly.entity_id   1
_entity_poly.type   'polypeptide(L)'
_entity_poly.pdbx_seq_one_letter_code
;(MSE)PKAKAKTKNTEIISPHHYVYPNTTTLKNKYGIKNLNAFLEKCSHDTAKA(MSE)INLREESLPEYFDTAYLCHIH
QQLFKNTFEWAGYLRHIPFTFADGTTAA(MSE)PE(MSE)KRTGWKNAFAIGDEIQEGLQRLDQTLAEKNNLQGLTREEF
NSEAIELFNSLNQLHPFREGNGRTQRLFFENLAKAAGHQLNFSLITKER(MSE)(MSE)VASVAVAENGDLEP(MSE)QH
LFEDISNPEKIRLLKEF(MSE)HT(MSE)KNTGRNVNDRPV(MSE)VAKEGETYTGTYRGAGLEGFALNVKGAYIIGNID
HLPPEQLKILKPGDKITFTAPK
;
_entity_poly.pdbx_strand_id   A,B
#
loop_
_chem_comp.id
_chem_comp.type
_chem_comp.name
_chem_comp.formula
CL non-polymer 'CHLORIDE ION' 'Cl -1'
NI non-polymer 'NICKEL (II) ION' 'Ni 2'
#
# COMPACT_ATOMS: atom_id res chain seq x y z
N GLU A 12 -20.04 30.41 -23.66
CA GLU A 12 -19.77 31.80 -23.16
C GLU A 12 -18.29 32.00 -22.79
N ILE A 13 -17.92 33.25 -22.55
CA ILE A 13 -16.56 33.63 -22.17
C ILE A 13 -16.16 32.94 -20.86
N ILE A 14 -16.99 33.09 -19.84
CA ILE A 14 -16.79 32.39 -18.57
C ILE A 14 -17.63 31.12 -18.55
N SER A 15 -16.98 29.96 -18.53
CA SER A 15 -17.70 28.69 -18.65
C SER A 15 -17.11 27.63 -17.73
N PRO A 16 -17.96 26.74 -17.21
CA PRO A 16 -17.47 25.54 -16.57
C PRO A 16 -16.63 24.65 -17.49
N HIS A 17 -16.91 24.62 -18.79
CA HIS A 17 -16.20 23.75 -19.73
C HIS A 17 -14.73 24.13 -19.87
N HIS A 18 -14.38 25.33 -19.39
CA HIS A 18 -13.01 25.83 -19.48
C HIS A 18 -12.10 25.31 -18.37
N TYR A 19 -12.66 24.51 -17.45
CA TYR A 19 -11.88 23.82 -16.42
C TYR A 19 -11.12 22.59 -16.94
N VAL A 20 -11.59 22.03 -18.05
CA VAL A 20 -11.13 20.73 -18.54
C VAL A 20 -10.49 20.89 -19.93
N TYR A 21 -9.58 19.98 -20.27
CA TYR A 21 -8.95 20.00 -21.61
C TYR A 21 -10.00 19.62 -22.66
N PRO A 22 -10.00 20.32 -23.82
CA PRO A 22 -11.00 20.03 -24.86
C PRO A 22 -11.08 18.57 -25.28
N ASN A 23 -12.29 18.10 -25.53
CA ASN A 23 -12.55 16.71 -25.92
C ASN A 23 -12.07 15.72 -24.87
N THR A 24 -12.06 16.15 -23.61
CA THR A 24 -11.74 15.26 -22.48
C THR A 24 -12.54 15.67 -21.25
N THR A 25 -12.41 14.88 -20.20
CA THR A 25 -13.04 15.21 -18.92
C THR A 25 -11.97 15.40 -17.84
N THR A 26 -10.72 15.57 -18.25
CA THR A 26 -9.62 15.59 -17.30
C THR A 26 -9.17 17.04 -17.08
N LEU A 27 -9.17 17.45 -15.82
CA LEU A 27 -9.04 18.86 -15.47
C LEU A 27 -7.68 19.40 -15.87
N LYS A 28 -7.67 20.65 -16.35
CA LYS A 28 -6.44 21.33 -16.69
C LYS A 28 -5.56 21.35 -15.46
N ASN A 29 -4.30 20.92 -15.61
CA ASN A 29 -3.39 20.77 -14.48
C ASN A 29 -1.98 21.20 -14.80
N LYS A 30 -1.20 21.47 -13.75
CA LYS A 30 0.16 22.01 -13.91
C LYS A 30 1.14 21.04 -14.55
N TYR A 31 0.79 19.76 -14.64
CA TYR A 31 1.67 18.75 -15.23
C TYR A 31 1.51 18.64 -16.74
N GLY A 32 0.47 19.25 -17.29
CA GLY A 32 0.15 19.10 -18.70
C GLY A 32 -0.37 17.72 -19.10
N ILE A 33 -0.67 16.87 -18.11
CA ILE A 33 -1.16 15.51 -18.38
C ILE A 33 -2.62 15.55 -18.80
N LYS A 34 -2.87 15.13 -20.04
CA LYS A 34 -4.22 15.10 -20.57
C LYS A 34 -4.95 13.77 -20.26
N ASN A 35 -4.20 12.68 -20.12
CA ASN A 35 -4.81 11.38 -19.80
C ASN A 35 -5.32 11.34 -18.35
N LEU A 36 -6.56 10.91 -18.14
CA LEU A 36 -7.21 10.95 -16.83
C LEU A 36 -6.47 10.16 -15.75
N ASN A 37 -6.16 8.90 -16.03
CA ASN A 37 -5.48 8.04 -15.06
C ASN A 37 -4.06 8.49 -14.76
N ALA A 38 -3.33 8.99 -15.76
CA ALA A 38 -1.97 9.50 -15.54
C ALA A 38 -2.02 10.71 -14.61
N PHE A 39 -2.97 11.61 -14.87
CA PHE A 39 -3.16 12.79 -14.04
C PHE A 39 -3.55 12.43 -12.62
N LEU A 40 -4.53 11.55 -12.48
CA LEU A 40 -5.03 11.18 -11.16
C LEU A 40 -3.95 10.55 -10.25
N GLU A 41 -3.09 9.73 -10.85
CA GLU A 41 -1.94 9.15 -10.15
C GLU A 41 -0.95 10.21 -9.67
N LYS A 42 -0.69 11.20 -10.52
CA LYS A 42 0.26 12.25 -10.22
C LYS A 42 -0.33 13.16 -9.14
N CYS A 43 -1.59 13.54 -9.32
CA CYS A 43 -2.30 14.36 -8.35
C CYS A 43 -2.29 13.70 -6.98
N SER A 44 -2.58 12.41 -7.01
CA SER A 44 -2.63 11.58 -5.81
C SER A 44 -1.25 11.48 -5.13
N HIS A 45 -0.20 11.29 -5.92
CA HIS A 45 1.17 11.22 -5.40
C HIS A 45 1.60 12.54 -4.76
N ASP A 46 1.35 13.66 -5.44
CA ASP A 46 1.80 14.97 -4.98
C ASP A 46 1.01 15.44 -3.76
N THR A 47 -0.31 15.24 -3.77
CA THR A 47 -1.15 15.68 -2.66
C THR A 47 -0.91 14.85 -1.39
N ALA A 48 -0.47 13.61 -1.55
CA ALA A 48 -0.07 12.81 -0.40
C ALA A 48 1.13 13.47 0.29
N LYS A 49 2.07 13.97 -0.51
CA LYS A 49 3.24 14.70 0.01
C LYS A 49 2.86 15.99 0.74
N ALA A 50 1.92 16.73 0.16
CA ALA A 50 1.46 17.97 0.76
C ALA A 50 0.78 17.74 2.11
N MSE A 51 -0.10 16.75 2.20
CA MSE A 51 -0.70 16.37 3.48
C MSE A 51 0.35 16.18 4.57
O MSE A 51 0.22 16.75 5.65
CB MSE A 51 -1.49 15.07 3.36
CG MSE A 51 -2.96 15.26 3.04
SE MSE A 51 -3.87 16.39 4.34
CE MSE A 51 -3.11 15.74 5.95
N ILE A 52 1.37 15.38 4.29
CA ILE A 52 2.45 15.12 5.23
C ILE A 52 2.97 16.42 5.87
N ASN A 53 3.10 17.47 5.08
CA ASN A 53 3.63 18.74 5.56
C ASN A 53 2.57 19.62 6.21
N LEU A 54 1.37 19.68 5.61
CA LEU A 54 0.28 20.46 6.20
C LEU A 54 -0.04 20.00 7.63
N ARG A 55 -0.04 18.69 7.87
CA ARG A 55 -0.29 18.18 9.21
C ARG A 55 0.73 18.72 10.21
N GLU A 56 1.96 18.99 9.76
CA GLU A 56 3.01 19.49 10.64
C GLU A 56 2.99 21.01 10.88
N GLU A 57 2.15 21.76 10.16
CA GLU A 57 2.10 23.21 10.38
C GLU A 57 1.21 23.53 11.58
N SER A 58 1.52 24.64 12.26
CA SER A 58 0.78 25.06 13.44
C SER A 58 -0.66 25.34 13.12
N LEU A 59 -1.55 25.04 14.06
CA LEU A 59 -2.97 25.27 13.85
C LEU A 59 -3.21 26.76 13.76
N PRO A 60 -4.25 27.17 13.04
CA PRO A 60 -4.43 28.59 12.81
C PRO A 60 -5.10 29.23 14.01
N GLU A 61 -4.95 30.53 14.13
CA GLU A 61 -5.61 31.29 15.18
C GLU A 61 -7.14 31.39 14.95
N TYR A 62 -7.52 31.54 13.69
CA TYR A 62 -8.93 31.59 13.28
C TYR A 62 -9.27 30.42 12.35
N PHE A 63 -10.45 29.84 12.54
CA PHE A 63 -10.98 28.88 11.59
C PHE A 63 -12.07 29.55 10.81
N ASP A 64 -11.70 30.04 9.62
CA ASP A 64 -12.63 30.66 8.67
C ASP A 64 -12.40 30.10 7.26
N THR A 65 -13.11 30.62 6.26
CA THR A 65 -12.94 30.13 4.89
C THR A 65 -11.54 30.42 4.36
N ALA A 66 -10.95 31.54 4.78
CA ALA A 66 -9.58 31.84 4.40
C ALA A 66 -8.66 30.64 4.75
N TYR A 67 -8.88 30.04 5.92
CA TYR A 67 -8.10 28.88 6.35
C TYR A 67 -8.44 27.68 5.50
N LEU A 68 -9.73 27.48 5.23
CA LEU A 68 -10.15 26.40 4.34
C LEU A 68 -9.37 26.54 3.05
N CYS A 69 -9.34 27.75 2.49
CA CYS A 69 -8.65 28.00 1.23
C CYS A 69 -7.14 27.76 1.30
N HIS A 70 -6.53 28.10 2.44
CA HIS A 70 -5.11 27.86 2.66
C HIS A 70 -4.79 26.38 2.59
N ILE A 71 -5.66 25.55 3.18
CA ILE A 71 -5.48 24.10 3.14
C ILE A 71 -5.59 23.63 1.72
N HIS A 72 -6.60 24.08 0.99
CA HIS A 72 -6.76 23.69 -0.41
C HIS A 72 -5.56 24.20 -1.22
N GLN A 73 -5.13 25.43 -0.96
CA GLN A 73 -4.02 26.00 -1.71
C GLN A 73 -2.76 25.18 -1.53
N GLN A 74 -2.47 24.85 -0.28
CA GLN A 74 -1.25 24.07 0.03
C GLN A 74 -1.28 22.63 -0.48
N LEU A 75 -2.46 22.01 -0.52
CA LEU A 75 -2.58 20.63 -1.02
C LEU A 75 -2.37 20.56 -2.53
N PHE A 76 -2.88 21.56 -3.24
CA PHE A 76 -2.97 21.48 -4.70
C PHE A 76 -2.11 22.52 -5.40
N LYS A 77 -1.16 23.11 -4.69
CA LYS A 77 -0.28 24.14 -5.28
C LYS A 77 0.48 23.66 -6.52
N ASN A 78 0.82 22.36 -6.54
CA ASN A 78 1.55 21.77 -7.66
C ASN A 78 0.68 21.11 -8.71
N THR A 79 -0.64 21.19 -8.53
CA THR A 79 -1.58 20.46 -9.38
C THR A 79 -2.50 21.38 -10.20
N PHE A 80 -3.18 22.29 -9.51
CA PHE A 80 -4.09 23.24 -10.16
C PHE A 80 -3.61 24.68 -10.00
N GLU A 81 -3.73 25.44 -11.09
CA GLU A 81 -3.43 26.87 -11.06
C GLU A 81 -4.40 27.61 -10.14
N TRP A 82 -5.59 27.05 -9.96
CA TRP A 82 -6.63 27.66 -9.14
C TRP A 82 -6.62 27.04 -7.73
N ALA A 83 -5.44 26.69 -7.22
CA ALA A 83 -5.33 25.92 -5.98
C ALA A 83 -6.11 26.55 -4.83
N GLY A 84 -5.98 27.85 -4.59
CA GLY A 84 -6.70 28.40 -3.43
C GLY A 84 -8.17 28.81 -3.64
N TYR A 85 -8.69 28.58 -4.84
CA TYR A 85 -9.83 29.38 -5.35
C TYR A 85 -11.19 28.73 -5.14
N LEU A 86 -12.14 29.51 -4.62
CA LEU A 86 -13.53 29.10 -4.52
C LEU A 86 -14.20 29.13 -5.90
N ARG A 87 -15.00 28.12 -6.19
CA ARG A 87 -15.51 27.84 -7.54
C ARG A 87 -16.48 28.86 -8.16
N HIS A 88 -17.09 29.72 -7.33
CA HIS A 88 -18.00 30.76 -7.85
C HIS A 88 -17.25 31.99 -8.35
N ILE A 89 -15.95 32.08 -8.06
CA ILE A 89 -15.11 33.18 -8.55
C ILE A 89 -14.49 32.86 -9.93
N PRO A 90 -14.78 33.68 -10.95
CA PRO A 90 -14.14 33.53 -12.26
C PRO A 90 -12.61 33.48 -12.20
N PHE A 91 -12.03 32.44 -12.80
CA PHE A 91 -10.59 32.20 -12.76
C PHE A 91 -10.02 32.11 -14.16
N THR A 92 -9.05 32.97 -14.47
CA THR A 92 -8.43 32.92 -15.79
C THR A 92 -7.12 32.17 -15.69
N PHE A 93 -7.02 31.09 -16.48
CA PHE A 93 -5.81 30.29 -16.57
C PHE A 93 -4.69 31.00 -17.33
N ALA A 94 -3.49 30.44 -17.26
CA ALA A 94 -2.36 30.92 -18.06
C ALA A 94 -2.67 30.80 -19.55
N ASP A 95 -3.50 29.82 -19.95
CA ASP A 95 -3.88 29.63 -21.36
C ASP A 95 -4.85 30.67 -21.89
N GLY A 96 -5.40 31.51 -21.00
CA GLY A 96 -6.26 32.62 -21.40
C GLY A 96 -7.74 32.41 -21.14
N THR A 97 -8.17 31.15 -21.13
CA THR A 97 -9.57 30.81 -20.89
C THR A 97 -9.96 31.06 -19.44
N THR A 98 -11.20 31.52 -19.23
CA THR A 98 -11.73 31.83 -17.89
C THR A 98 -12.77 30.78 -17.45
N ALA A 99 -12.61 30.26 -16.23
CA ALA A 99 -13.47 29.16 -15.73
C ALA A 99 -14.25 29.55 -14.48
N ALA A 100 -15.42 28.95 -14.32
CA ALA A 100 -16.23 29.11 -13.11
C ALA A 100 -17.35 28.09 -13.15
N MSE A 101 -17.73 27.57 -11.99
CA MSE A 101 -18.78 26.56 -11.92
C MSE A 101 -19.69 26.85 -10.76
O MSE A 101 -19.54 26.28 -9.69
CB MSE A 101 -18.19 25.16 -11.79
CG MSE A 101 -19.24 24.05 -11.81
SE MSE A 101 -18.51 22.25 -11.87
CE MSE A 101 -18.15 22.04 -13.79
N PRO A 102 -20.65 27.76 -10.96
CA PRO A 102 -21.62 28.02 -9.90
C PRO A 102 -22.70 26.94 -9.79
N GLU A 103 -22.85 26.07 -10.80
CA GLU A 103 -23.96 25.10 -10.82
C GLU A 103 -23.65 23.75 -10.19
N MSE A 104 -22.68 23.02 -10.77
CA MSE A 104 -22.41 21.61 -10.41
C MSE A 104 -23.29 20.71 -11.25
O MSE A 104 -22.79 19.94 -12.08
CB MSE A 104 -22.67 21.27 -8.93
CG MSE A 104 -21.73 21.91 -7.97
SE MSE A 104 -20.00 21.09 -8.15
CE MSE A 104 -20.38 19.45 -7.14
N LYS A 105 -24.59 20.80 -11.00
CA LYS A 105 -25.62 20.07 -11.74
C LYS A 105 -25.68 18.60 -11.34
N ARG A 106 -26.66 18.31 -10.89
CA ARG A 106 -26.84 16.90 -10.67
C ARG A 106 -27.89 16.55 -11.68
N THR A 107 -28.38 15.32 -11.64
CA THR A 107 -29.63 15.03 -12.30
C THR A 107 -30.70 15.72 -11.47
N GLY A 108 -31.77 16.16 -12.14
CA GLY A 108 -32.86 16.86 -11.46
C GLY A 108 -33.39 16.15 -10.23
N TRP A 109 -33.45 14.81 -10.30
CA TRP A 109 -33.98 14.01 -9.19
C TRP A 109 -33.05 13.86 -7.99
N LYS A 110 -31.77 14.16 -8.17
CA LYS A 110 -30.82 14.17 -7.05
C LYS A 110 -30.92 15.47 -6.25
N ASN A 111 -30.47 15.42 -5.00
CA ASN A 111 -30.46 16.60 -4.13
C ASN A 111 -29.38 17.58 -4.60
N ALA A 112 -29.61 18.90 -4.30
CA ALA A 112 -28.71 19.77 -5.03
C ALA A 112 -27.69 20.39 -4.08
N PHE A 113 -26.53 20.76 -4.64
CA PHE A 113 -25.54 21.61 -4.00
C PHE A 113 -25.90 23.10 -4.15
N ALA A 114 -25.13 23.97 -3.49
CA ALA A 114 -25.37 25.42 -3.58
C ALA A 114 -25.17 25.96 -4.99
N ILE A 115 -25.88 27.04 -5.32
CA ILE A 115 -25.79 27.65 -6.64
C ILE A 115 -25.42 29.14 -6.55
N GLY A 116 -24.34 29.53 -7.22
CA GLY A 116 -23.93 30.94 -7.29
C GLY A 116 -23.65 31.63 -5.97
N ASP A 117 -24.38 32.72 -5.74
CA ASP A 117 -24.18 33.57 -4.56
C ASP A 117 -24.42 32.84 -3.22
N GLU A 118 -25.20 31.76 -3.25
CA GLU A 118 -25.41 30.91 -2.07
C GLU A 118 -24.10 30.38 -1.48
N ILE A 119 -23.13 30.14 -2.34
CA ILE A 119 -21.81 29.70 -1.90
C ILE A 119 -21.20 30.73 -0.95
N GLN A 120 -21.19 31.98 -1.38
CA GLN A 120 -20.62 33.05 -0.60
C GLN A 120 -21.43 33.25 0.68
N GLU A 121 -22.76 33.38 0.55
CA GLU A 121 -23.67 33.47 1.71
C GLU A 121 -23.33 32.38 2.74
N GLY A 122 -23.37 31.13 2.28
CA GLY A 122 -23.14 29.97 3.12
C GLY A 122 -21.76 29.93 3.75
N LEU A 123 -20.77 30.39 3.01
CA LEU A 123 -19.41 30.45 3.53
C LEU A 123 -19.24 31.61 4.54
N GLN A 124 -19.81 32.78 4.24
CA GLN A 124 -19.79 33.90 5.18
C GLN A 124 -20.54 33.53 6.47
N ARG A 125 -21.52 32.63 6.33
CA ARG A 125 -22.30 32.14 7.47
C ARG A 125 -21.45 31.26 8.40
N LEU A 126 -20.66 30.35 7.81
CA LEU A 126 -19.71 29.52 8.55
C LEU A 126 -18.69 30.42 9.26
N ASP A 127 -18.10 31.35 8.50
CA ASP A 127 -17.17 32.35 9.05
C ASP A 127 -17.78 33.01 10.29
N GLN A 128 -19.04 33.42 10.17
CA GLN A 128 -19.75 34.17 11.19
C GLN A 128 -20.01 33.35 12.44
N THR A 129 -20.45 32.10 12.28
CA THR A 129 -20.74 31.26 13.46
C THR A 129 -19.48 30.80 14.20
N LEU A 130 -18.41 30.49 13.46
CA LEU A 130 -17.15 30.15 14.09
C LEU A 130 -16.53 31.37 14.81
N ALA A 131 -16.89 32.57 14.41
CA ALA A 131 -16.46 33.76 15.13
C ALA A 131 -17.28 33.97 16.40
N GLU A 132 -18.61 33.89 16.27
CA GLU A 132 -19.50 34.12 17.41
C GLU A 132 -19.43 33.02 18.45
N LYS A 133 -18.94 31.85 18.09
CA LYS A 133 -18.81 30.74 19.02
C LYS A 133 -17.34 30.42 19.32
N ASN A 134 -16.45 31.36 19.00
CA ASN A 134 -15.02 31.25 19.32
C ASN A 134 -14.42 29.91 18.91
N ASN A 135 -14.63 29.53 17.65
CA ASN A 135 -14.14 28.25 17.12
C ASN A 135 -14.60 26.97 17.89
N LEU A 136 -15.76 27.07 18.54
CA LEU A 136 -16.35 25.98 19.30
C LEU A 136 -15.42 25.53 20.42
N GLN A 137 -14.93 26.49 21.19
CA GLN A 137 -13.76 26.25 22.03
C GLN A 137 -14.01 25.85 23.49
N GLY A 138 -15.03 26.39 24.13
CA GLY A 138 -15.26 26.05 25.54
C GLY A 138 -16.35 25.03 25.76
N LEU A 139 -16.27 23.92 25.03
CA LEU A 139 -17.40 22.99 24.95
C LEU A 139 -17.05 21.60 25.40
N THR A 140 -18.09 20.85 25.73
CA THR A 140 -17.97 19.41 25.96
C THR A 140 -17.82 18.73 24.61
N ARG A 141 -17.68 17.41 24.59
CA ARG A 141 -17.66 16.65 23.33
C ARG A 141 -19.01 16.68 22.65
N GLU A 142 -20.05 16.32 23.40
CA GLU A 142 -21.43 16.32 22.90
C GLU A 142 -21.75 17.67 22.23
N GLU A 143 -21.47 18.76 22.93
CA GLU A 143 -21.72 20.09 22.43
C GLU A 143 -20.87 20.38 21.18
N PHE A 144 -19.60 20.01 21.23
CA PHE A 144 -18.70 20.31 20.11
C PHE A 144 -19.13 19.53 18.89
N ASN A 145 -19.38 18.25 19.08
CA ASN A 145 -19.81 17.39 17.99
C ASN A 145 -21.11 17.89 17.39
N SER A 146 -22.07 18.24 18.25
CA SER A 146 -23.37 18.65 17.77
C SER A 146 -23.27 19.88 16.89
N GLU A 147 -22.49 20.87 17.35
CA GLU A 147 -22.22 22.08 16.58
C GLU A 147 -21.34 21.82 15.36
N ALA A 148 -20.41 20.88 15.48
CA ALA A 148 -19.49 20.58 14.38
C ALA A 148 -20.19 19.89 13.22
N ILE A 149 -21.10 18.97 13.52
CA ILE A 149 -21.85 18.25 12.50
C ILE A 149 -22.67 19.23 11.65
N GLU A 150 -23.35 20.17 12.30
CA GLU A 150 -24.13 21.20 11.58
C GLU A 150 -23.27 21.91 10.53
N LEU A 151 -22.07 22.29 10.93
CA LEU A 151 -21.15 23.05 10.07
C LEU A 151 -20.55 22.17 8.99
N PHE A 152 -20.29 20.91 9.32
CA PHE A 152 -19.71 19.97 8.37
C PHE A 152 -20.68 19.70 7.22
N ASN A 153 -21.91 19.36 7.59
CA ASN A 153 -22.99 19.16 6.64
C ASN A 153 -23.24 20.40 5.80
N SER A 154 -23.26 21.56 6.45
CA SER A 154 -23.46 22.82 5.74
C SER A 154 -22.37 23.04 4.68
N LEU A 155 -21.12 22.77 5.05
CA LEU A 155 -19.99 22.90 4.15
C LEU A 155 -20.00 21.80 3.09
N ASN A 156 -20.55 20.64 3.44
CA ASN A 156 -20.61 19.53 2.50
C ASN A 156 -21.54 19.87 1.34
N GLN A 157 -22.61 20.62 1.63
CA GLN A 157 -23.60 20.97 0.59
C GLN A 157 -23.17 22.25 -0.15
N LEU A 158 -22.25 23.03 0.41
CA LEU A 158 -21.71 24.18 -0.32
C LEU A 158 -20.73 23.73 -1.42
N HIS A 159 -19.96 22.66 -1.16
CA HIS A 159 -19.05 22.09 -2.15
C HIS A 159 -18.18 23.18 -2.77
N PRO A 160 -17.44 23.91 -1.93
CA PRO A 160 -16.87 25.20 -2.26
C PRO A 160 -15.84 25.21 -3.38
N PHE A 161 -15.07 24.13 -3.51
CA PHE A 161 -14.04 24.06 -4.55
C PHE A 161 -14.48 23.16 -5.71
N ARG A 162 -13.96 23.47 -6.90
CA ARG A 162 -14.24 22.68 -8.09
C ARG A 162 -13.89 21.21 -7.87
N GLU A 163 -12.80 20.96 -7.17
CA GLU A 163 -12.38 19.62 -6.78
C GLU A 163 -11.50 19.71 -5.54
N GLY A 164 -11.34 18.60 -4.83
CA GLY A 164 -10.48 18.54 -3.67
C GLY A 164 -11.15 18.98 -2.37
N ASN A 165 -12.47 18.88 -2.32
CA ASN A 165 -13.22 19.28 -1.13
C ASN A 165 -13.00 18.33 0.03
N GLY A 166 -13.08 17.03 -0.24
CA GLY A 166 -12.96 16.01 0.79
C GLY A 166 -11.77 16.16 1.72
N ARG A 167 -10.57 16.14 1.16
CA ARG A 167 -9.36 16.22 1.94
C ARG A 167 -9.33 17.53 2.71
N THR A 168 -9.54 18.65 2.02
CA THR A 168 -9.35 19.93 2.67
C THR A 168 -10.37 20.07 3.80
N GLN A 169 -11.57 19.52 3.59
CA GLN A 169 -12.63 19.57 4.59
C GLN A 169 -12.32 18.70 5.82
N ARG A 170 -11.80 17.51 5.58
CA ARG A 170 -11.44 16.61 6.68
C ARG A 170 -10.32 17.20 7.55
N LEU A 171 -9.33 17.83 6.92
CA LEU A 171 -8.21 18.41 7.67
C LEU A 171 -8.68 19.63 8.44
N PHE A 172 -9.55 20.43 7.82
CA PHE A 172 -10.13 21.60 8.47
C PHE A 172 -10.78 21.21 9.79
N PHE A 173 -11.53 20.12 9.78
CA PHE A 173 -12.29 19.70 10.96
C PHE A 173 -11.50 18.90 11.98
N GLU A 174 -10.50 18.15 11.52
CA GLU A 174 -9.57 17.48 12.45
C GLU A 174 -8.77 18.51 13.25
N ASN A 175 -8.34 19.58 12.58
CA ASN A 175 -7.59 20.64 13.25
C ASN A 175 -8.51 21.48 14.11
N LEU A 176 -9.75 21.69 13.67
CA LEU A 176 -10.74 22.40 14.50
C LEU A 176 -10.94 21.65 15.81
N ALA A 177 -11.17 20.33 15.70
CA ALA A 177 -11.35 19.52 16.90
C ALA A 177 -10.16 19.71 17.85
N LYS A 178 -8.94 19.59 17.33
CA LYS A 178 -7.74 19.59 18.18
C LYS A 178 -7.59 20.93 18.91
N ALA A 179 -7.85 22.02 18.21
CA ALA A 179 -7.81 23.35 18.81
C ALA A 179 -8.91 23.54 19.85
N ALA A 180 -10.03 22.83 19.67
CA ALA A 180 -11.19 22.93 20.55
C ALA A 180 -11.09 22.02 21.76
N GLY A 181 -9.99 21.27 21.88
CA GLY A 181 -9.74 20.39 23.02
C GLY A 181 -10.36 19.02 22.85
N HIS A 182 -10.62 18.63 21.62
CA HIS A 182 -11.27 17.36 21.35
C HIS A 182 -10.57 16.67 20.17
N GLN A 183 -11.08 15.50 19.77
CA GLN A 183 -10.50 14.75 18.66
C GLN A 183 -11.52 14.53 17.55
N LEU A 184 -11.03 14.52 16.32
CA LEU A 184 -11.77 13.99 15.16
C LEU A 184 -10.78 13.32 14.19
N ASN A 185 -10.44 12.05 14.45
CA ASN A 185 -9.56 11.28 13.56
C ASN A 185 -10.28 10.77 12.32
N PHE A 186 -10.35 11.61 11.29
CA PHE A 186 -10.95 11.20 10.02
C PHE A 186 -10.09 10.16 9.29
N SER A 187 -8.80 10.14 9.61
CA SER A 187 -7.87 9.13 9.13
C SER A 187 -8.47 7.73 9.24
N LEU A 188 -9.24 7.50 10.29
CA LEU A 188 -9.88 6.20 10.54
C LEU A 188 -11.24 6.04 9.86
N ILE A 189 -11.53 6.85 8.84
CA ILE A 189 -12.78 6.71 8.10
C ILE A 189 -12.48 6.47 6.64
N THR A 190 -13.11 5.45 6.08
CA THR A 190 -12.98 5.13 4.68
C THR A 190 -13.79 6.08 3.83
N LYS A 191 -13.41 6.20 2.56
CA LYS A 191 -14.16 6.98 1.59
C LYS A 191 -15.62 6.50 1.45
N GLU A 192 -15.84 5.20 1.67
CA GLU A 192 -17.19 4.62 1.57
C GLU A 192 -18.11 5.14 2.67
N ARG A 193 -17.67 5.05 3.92
CA ARG A 193 -18.50 5.42 5.06
C ARG A 193 -18.94 6.87 5.01
N MSE A 194 -17.97 7.76 4.73
CA MSE A 194 -18.25 9.19 4.55
C MSE A 194 -19.35 9.42 3.53
O MSE A 194 -20.26 10.22 3.75
CB MSE A 194 -16.99 9.93 4.10
CG MSE A 194 -16.36 10.81 5.17
SE MSE A 194 -17.49 12.33 5.58
CE MSE A 194 -17.28 13.31 3.89
N MSE A 195 -19.26 8.71 2.42
CA MSE A 195 -20.22 8.88 1.36
C MSE A 195 -21.61 8.52 1.84
O MSE A 195 -22.56 9.27 1.61
CB MSE A 195 -19.83 8.01 0.18
CG MSE A 195 -20.60 8.33 -1.07
SE MSE A 195 -19.35 8.34 -2.54
CE MSE A 195 -18.23 9.86 -1.99
N VAL A 196 -21.73 7.36 2.50
CA VAL A 196 -23.03 6.92 2.97
C VAL A 196 -23.61 7.96 3.92
N ALA A 197 -22.77 8.42 4.85
CA ALA A 197 -23.18 9.39 5.87
C ALA A 197 -23.56 10.73 5.24
N SER A 198 -22.84 11.10 4.20
CA SER A 198 -23.13 12.31 3.44
C SER A 198 -24.45 12.18 2.69
N VAL A 199 -24.62 11.07 1.97
CA VAL A 199 -25.82 10.83 1.18
C VAL A 199 -27.06 10.77 2.09
N ALA A 200 -26.92 10.16 3.26
CA ALA A 200 -28.00 10.07 4.25
C ALA A 200 -28.53 11.45 4.61
N VAL A 201 -27.62 12.40 4.84
CA VAL A 201 -28.00 13.77 5.19
C VAL A 201 -28.67 14.46 4.00
N ALA A 202 -28.09 14.27 2.82
CA ALA A 202 -28.52 15.00 1.62
C ALA A 202 -29.93 14.60 1.14
N GLU A 203 -30.30 13.35 1.35
CA GLU A 203 -31.56 12.82 0.81
C GLU A 203 -32.68 12.77 1.86
N ASN A 204 -32.40 12.13 2.99
CA ASN A 204 -33.40 11.93 4.04
C ASN A 204 -33.49 13.12 4.97
N GLY A 205 -32.37 13.81 5.17
CA GLY A 205 -32.20 14.75 6.28
C GLY A 205 -31.82 13.98 7.54
N ASP A 206 -31.33 12.76 7.34
CA ASP A 206 -31.02 11.84 8.43
C ASP A 206 -29.59 12.09 8.95
N LEU A 207 -29.48 12.57 10.17
CA LEU A 207 -28.17 12.86 10.74
C LEU A 207 -27.49 11.63 11.34
N GLU A 208 -28.23 10.55 11.58
CA GLU A 208 -27.73 9.42 12.40
C GLU A 208 -26.43 8.74 11.96
N PRO A 209 -26.26 8.46 10.64
CA PRO A 209 -24.98 7.89 10.19
C PRO A 209 -23.76 8.83 10.41
N MSE A 210 -23.97 10.15 10.33
CA MSE A 210 -22.92 11.14 10.62
C MSE A 210 -22.67 11.31 12.11
O MSE A 210 -21.53 11.42 12.56
CB MSE A 210 -23.32 12.49 10.06
CG MSE A 210 -22.94 12.68 8.61
SE MSE A 210 -21.09 13.16 8.47
CE MSE A 210 -21.29 14.96 9.15
N GLN A 211 -23.75 11.39 12.87
CA GLN A 211 -23.67 11.34 14.32
C GLN A 211 -22.84 10.11 14.69
N HIS A 212 -23.16 8.97 14.09
CA HIS A 212 -22.42 7.73 14.32
C HIS A 212 -20.94 7.88 13.97
N LEU A 213 -20.68 8.45 12.80
CA LEU A 213 -19.32 8.63 12.27
C LEU A 213 -18.49 9.45 13.22
N PHE A 214 -19.03 10.63 13.57
CA PHE A 214 -18.34 11.53 14.46
C PHE A 214 -18.08 10.92 15.83
N GLU A 215 -19.00 10.08 16.31
CA GLU A 215 -18.86 9.45 17.61
C GLU A 215 -17.67 8.52 17.62
N ASP A 216 -17.59 7.65 16.62
CA ASP A 216 -16.48 6.68 16.53
C ASP A 216 -15.10 7.35 16.48
N ILE A 217 -15.09 8.52 15.83
CA ILE A 217 -13.89 9.28 15.53
C ILE A 217 -13.47 10.23 16.65
N SER A 218 -14.33 10.43 17.65
CA SER A 218 -14.07 11.36 18.75
C SER A 218 -13.96 10.67 20.11
N ASN A 219 -14.77 9.63 20.33
CA ASN A 219 -14.78 8.90 21.60
C ASN A 219 -13.53 8.02 21.76
N PRO A 220 -12.65 8.34 22.73
CA PRO A 220 -11.36 7.64 22.85
C PRO A 220 -11.49 6.13 22.94
N GLU A 221 -12.58 5.67 23.53
CA GLU A 221 -12.80 4.24 23.72
C GLU A 221 -13.07 3.58 22.39
N LYS A 222 -13.54 4.35 21.41
CA LYS A 222 -13.81 3.82 20.08
C LYS A 222 -12.66 4.09 19.10
N ILE A 223 -11.88 5.14 19.35
CA ILE A 223 -10.68 5.40 18.56
C ILE A 223 -9.71 4.22 18.66
N ARG A 224 -9.40 3.80 19.88
CA ARG A 224 -8.42 2.73 20.09
C ARG A 224 -8.84 1.43 19.43
N LEU A 225 -10.15 1.19 19.33
CA LEU A 225 -10.64 -0.01 18.69
C LEU A 225 -10.39 0.04 17.19
N LEU A 226 -10.67 1.19 16.59
CA LEU A 226 -10.45 1.38 15.16
C LEU A 226 -8.96 1.41 14.85
N LYS A 227 -8.19 2.13 15.65
CA LYS A 227 -6.74 2.20 15.47
C LYS A 227 -6.16 0.78 15.31
N GLU A 228 -6.54 -0.11 16.21
CA GLU A 228 -6.07 -1.51 16.20
C GLU A 228 -6.45 -2.25 14.93
N PHE A 229 -7.69 -2.07 14.50
CA PHE A 229 -8.19 -2.75 13.31
C PHE A 229 -7.48 -2.24 12.06
N MSE A 230 -7.38 -0.92 11.92
CA MSE A 230 -6.72 -0.35 10.77
C MSE A 230 -5.26 -0.79 10.66
O MSE A 230 -4.72 -0.92 9.56
CB MSE A 230 -6.81 1.17 10.78
CG MSE A 230 -8.24 1.70 10.70
SE MSE A 230 -9.12 1.20 9.04
CE MSE A 230 -8.32 2.52 7.82
N HIS A 231 -4.62 -1.04 11.80
CA HIS A 231 -3.26 -1.58 11.82
C HIS A 231 -3.18 -2.94 11.13
N THR A 232 -4.20 -3.77 11.31
CA THR A 232 -4.17 -5.10 10.71
C THR A 232 -4.26 -5.06 9.17
N MSE A 233 -4.64 -3.91 8.61
CA MSE A 233 -4.66 -3.74 7.15
C MSE A 233 -3.31 -3.35 6.54
O MSE A 233 -3.09 -3.48 5.33
CB MSE A 233 -5.69 -2.68 6.74
CG MSE A 233 -7.10 -2.96 7.24
SE MSE A 233 -7.79 -4.67 6.64
CE MSE A 233 -7.39 -4.61 4.72
N LYS A 234 -2.38 -2.87 7.37
CA LYS A 234 -1.07 -2.45 6.93
C LYS A 234 -0.30 -3.60 6.27
N ASN A 235 0.22 -3.38 5.07
CA ASN A 235 1.03 -4.35 4.32
C ASN A 235 0.33 -5.67 3.98
N THR A 236 -1.00 -5.67 4.01
CA THR A 236 -1.76 -6.89 3.66
C THR A 236 -1.89 -7.05 2.16
N GLY A 237 -1.64 -5.96 1.43
CA GLY A 237 -1.84 -5.93 -0.01
C GLY A 237 -3.24 -5.53 -0.39
N ARG A 238 -4.04 -5.12 0.60
CA ARG A 238 -5.44 -4.81 0.38
C ARG A 238 -5.64 -3.30 0.43
N ASN A 239 -6.86 -2.87 0.09
CA ASN A 239 -7.32 -1.50 0.34
C ASN A 239 -8.71 -1.59 0.99
N VAL A 240 -8.85 -1.08 2.20
CA VAL A 240 -10.14 -1.15 2.90
C VAL A 240 -11.00 0.06 2.57
N ASN A 241 -10.44 1.00 1.82
CA ASN A 241 -11.06 2.31 1.59
C ASN A 241 -12.39 2.20 0.81
N ASP A 242 -12.57 1.11 0.07
CA ASP A 242 -13.84 0.80 -0.59
C ASP A 242 -14.88 0.20 0.39
N ARG A 243 -14.42 -0.18 1.59
CA ARG A 243 -15.22 -0.92 2.58
C ARG A 243 -15.52 -0.10 3.83
N PRO A 244 -16.80 -0.04 4.22
CA PRO A 244 -17.16 0.76 5.41
C PRO A 244 -16.79 0.05 6.73
N VAL A 245 -16.07 0.76 7.59
CA VAL A 245 -15.66 0.21 8.87
C VAL A 245 -16.32 1.03 9.97
N MSE A 246 -16.88 0.33 10.96
CA MSE A 246 -17.54 0.98 12.10
C MSE A 246 -17.32 0.27 13.42
O MSE A 246 -16.97 -0.92 13.44
CB MSE A 246 -19.04 1.02 11.89
CG MSE A 246 -19.49 2.01 10.87
SE MSE A 246 -20.62 1.06 9.66
CE MSE A 246 -19.33 -0.28 9.04
N VAL A 247 -17.53 0.99 14.50
CA VAL A 247 -17.66 0.42 15.83
C VAL A 247 -19.15 0.20 16.05
N ALA A 248 -19.51 -0.93 16.65
CA ALA A 248 -20.91 -1.29 16.82
C ALA A 248 -21.67 -0.26 17.66
N LYS A 249 -22.83 0.18 17.18
CA LYS A 249 -23.67 1.11 17.94
C LYS A 249 -24.25 0.42 19.17
N GLU A 250 -24.28 1.15 20.28
CA GLU A 250 -24.84 0.64 21.53
C GLU A 250 -26.31 0.32 21.30
N GLY A 251 -26.77 -0.79 21.89
CA GLY A 251 -28.15 -1.22 21.75
C GLY A 251 -28.40 -2.09 20.52
N GLU A 252 -27.73 -1.78 19.42
CA GLU A 252 -27.99 -2.43 18.14
C GLU A 252 -27.44 -3.84 18.02
N THR A 253 -28.00 -4.62 17.11
CA THR A 253 -27.64 -6.03 16.93
C THR A 253 -27.12 -6.27 15.51
N TYR A 254 -25.91 -6.80 15.41
CA TYR A 254 -25.31 -7.14 14.12
C TYR A 254 -25.11 -8.65 14.01
N THR A 255 -25.26 -9.19 12.80
CA THR A 255 -25.08 -10.62 12.54
C THR A 255 -24.30 -10.87 11.23
N GLY A 256 -23.24 -11.67 11.33
CA GLY A 256 -22.35 -11.95 10.20
C GLY A 256 -21.27 -12.96 10.53
N THR A 257 -20.15 -12.92 9.79
CA THR A 257 -19.06 -13.89 9.95
C THR A 257 -17.88 -13.28 10.69
N TYR A 258 -17.24 -14.09 11.53
CA TYR A 258 -16.21 -13.64 12.47
C TYR A 258 -14.87 -13.50 11.79
N ARG A 259 -14.27 -12.33 11.88
CA ARG A 259 -12.98 -12.08 11.23
C ARG A 259 -11.80 -12.13 12.21
N GLY A 260 -12.07 -12.49 13.47
CA GLY A 260 -11.00 -12.63 14.47
C GLY A 260 -10.97 -11.55 15.54
N ALA A 261 -10.07 -11.74 16.51
CA ALA A 261 -9.96 -10.88 17.69
C ALA A 261 -8.59 -10.24 17.81
N GLY A 262 -8.51 -9.24 18.69
CA GLY A 262 -7.24 -8.61 19.03
C GLY A 262 -7.18 -8.49 20.54
N LEU A 263 -6.26 -7.67 21.05
CA LEU A 263 -6.20 -7.40 22.48
C LEU A 263 -7.47 -6.66 22.91
N GLU A 264 -7.73 -5.53 22.26
CA GLU A 264 -8.74 -4.58 22.72
C GLU A 264 -10.13 -4.77 22.09
N GLY A 265 -10.19 -5.34 20.89
CA GLY A 265 -11.46 -5.52 20.18
C GLY A 265 -11.43 -6.63 19.15
N PHE A 266 -12.59 -6.90 18.55
CA PHE A 266 -12.73 -7.92 17.50
C PHE A 266 -13.39 -7.32 16.25
N ALA A 267 -13.60 -8.15 15.23
CA ALA A 267 -14.19 -7.68 13.99
C ALA A 267 -15.16 -8.71 13.39
N LEU A 268 -16.29 -8.20 12.86
CA LEU A 268 -17.24 -8.96 12.08
C LEU A 268 -17.18 -8.58 10.60
N ASN A 269 -17.91 -9.34 9.79
CA ASN A 269 -18.17 -8.98 8.41
C ASN A 269 -19.69 -9.07 8.21
N VAL A 270 -20.32 -7.93 7.93
CA VAL A 270 -21.76 -7.86 7.74
C VAL A 270 -22.10 -7.22 6.40
N LYS A 271 -22.41 -8.09 5.43
CA LYS A 271 -22.77 -7.69 4.05
C LYS A 271 -21.75 -6.73 3.41
N GLY A 272 -20.47 -7.07 3.56
CA GLY A 272 -19.37 -6.29 2.97
C GLY A 272 -18.81 -5.20 3.87
N ALA A 273 -19.33 -5.11 5.09
CA ALA A 273 -18.95 -4.06 6.04
C ALA A 273 -18.29 -4.67 7.27
N TYR A 274 -17.33 -3.94 7.85
CA TYR A 274 -16.59 -4.40 9.03
C TYR A 274 -17.10 -3.68 10.27
N ILE A 275 -17.76 -4.42 11.16
CA ILE A 275 -18.22 -3.89 12.46
C ILE A 275 -17.24 -4.33 13.53
N ILE A 276 -16.69 -3.36 14.24
CA ILE A 276 -15.74 -3.61 15.31
C ILE A 276 -16.47 -3.53 16.64
N GLY A 277 -16.14 -4.45 17.55
CA GLY A 277 -16.73 -4.45 18.89
C GLY A 277 -15.68 -4.57 19.98
N ASN A 278 -16.00 -4.12 21.18
CA ASN A 278 -15.09 -4.29 22.29
C ASN A 278 -15.06 -5.76 22.70
N ILE A 279 -13.85 -6.29 22.87
CA ILE A 279 -13.64 -7.70 23.16
C ILE A 279 -14.38 -8.10 24.46
N ASP A 280 -14.44 -7.18 25.43
CA ASP A 280 -15.13 -7.41 26.71
C ASP A 280 -16.65 -7.52 26.58
N HIS A 281 -17.22 -7.11 25.45
CA HIS A 281 -18.68 -7.19 25.25
C HIS A 281 -19.10 -8.57 24.75
N LEU A 282 -18.14 -9.40 24.37
CA LEU A 282 -18.42 -10.81 24.07
C LEU A 282 -18.66 -11.60 25.35
N PRO A 283 -19.61 -12.56 25.31
CA PRO A 283 -19.66 -13.52 26.42
C PRO A 283 -18.31 -14.26 26.50
N PRO A 284 -17.63 -14.18 27.65
CA PRO A 284 -16.33 -14.85 27.85
C PRO A 284 -16.23 -16.22 27.16
N GLU A 285 -17.29 -17.01 27.25
CA GLU A 285 -17.31 -18.37 26.75
C GLU A 285 -17.43 -18.47 25.22
N GLN A 286 -18.00 -17.45 24.57
CA GLN A 286 -17.98 -17.39 23.11
C GLN A 286 -16.56 -17.14 22.59
N LEU A 287 -15.87 -16.18 23.21
CA LEU A 287 -14.48 -15.85 22.87
C LEU A 287 -13.59 -17.10 22.72
N LYS A 288 -13.83 -18.12 23.56
CA LYS A 288 -13.05 -19.36 23.52
C LYS A 288 -13.18 -20.09 22.17
N ILE A 289 -14.36 -20.67 21.90
CA ILE A 289 -14.58 -21.46 20.70
C ILE A 289 -15.17 -20.59 19.58
N LEU A 290 -14.40 -19.60 19.12
CA LEU A 290 -14.77 -18.79 17.95
C LEU A 290 -13.61 -18.70 16.96
N LYS A 291 -13.65 -19.55 15.94
CA LYS A 291 -12.64 -19.54 14.88
C LYS A 291 -13.10 -18.62 13.73
N PRO A 292 -12.14 -18.03 12.98
CA PRO A 292 -12.47 -17.12 11.88
C PRO A 292 -13.42 -17.73 10.84
N GLY A 293 -14.60 -17.13 10.69
CA GLY A 293 -15.62 -17.64 9.77
C GLY A 293 -16.92 -17.92 10.47
N ASP A 294 -16.84 -18.27 11.75
CA ASP A 294 -18.03 -18.57 12.55
C ASP A 294 -19.10 -17.48 12.42
N LYS A 295 -20.34 -17.89 12.22
CA LYS A 295 -21.46 -16.95 12.17
C LYS A 295 -21.77 -16.56 13.60
N ILE A 296 -21.75 -15.28 13.91
CA ILE A 296 -22.11 -14.82 15.25
C ILE A 296 -23.03 -13.61 15.23
N THR A 297 -24.00 -13.61 16.13
CA THR A 297 -24.85 -12.46 16.39
C THR A 297 -24.33 -11.78 17.64
N PHE A 298 -24.37 -10.46 17.64
CA PHE A 298 -23.75 -9.66 18.67
C PHE A 298 -24.55 -8.39 18.89
N THR A 299 -25.03 -8.20 20.10
CA THR A 299 -25.74 -6.99 20.47
C THR A 299 -24.87 -6.22 21.45
N ALA A 300 -24.42 -5.03 21.00
CA ALA A 300 -23.60 -4.16 21.83
C ALA A 300 -24.42 -3.67 23.00
N PRO A 301 -23.78 -3.51 24.18
CA PRO A 301 -24.48 -3.09 25.38
C PRO A 301 -24.74 -1.58 25.48
N LYS A 302 -25.47 -1.19 26.51
CA LYS A 302 -25.78 0.21 26.84
C LYS A 302 -24.57 1.15 26.72
N GLU B 12 0.22 -42.03 3.56
CA GLU B 12 -0.71 -42.27 4.71
C GLU B 12 -0.24 -41.51 5.96
N ILE B 13 0.87 -41.93 6.55
CA ILE B 13 1.38 -41.24 7.74
C ILE B 13 2.10 -39.97 7.28
N ILE B 14 3.29 -40.13 6.72
CA ILE B 14 4.05 -39.01 6.22
C ILE B 14 3.54 -38.72 4.81
N SER B 15 3.11 -37.48 4.56
CA SER B 15 2.58 -37.11 3.24
C SER B 15 2.60 -35.61 2.98
N PRO B 16 3.04 -35.20 1.79
CA PRO B 16 3.01 -33.78 1.46
C PRO B 16 1.66 -33.10 1.64
N HIS B 17 0.57 -33.85 1.50
CA HIS B 17 -0.77 -33.25 1.55
C HIS B 17 -1.15 -32.72 2.94
N HIS B 18 -0.37 -33.11 3.96
CA HIS B 18 -0.61 -32.68 5.34
C HIS B 18 -0.07 -31.28 5.67
N TYR B 19 0.59 -30.64 4.72
CA TYR B 19 1.01 -29.23 4.87
C TYR B 19 -0.13 -28.24 4.71
N VAL B 20 -1.27 -28.71 4.21
CA VAL B 20 -2.37 -27.87 3.74
C VAL B 20 -3.72 -28.38 4.25
N TYR B 21 -4.65 -27.47 4.55
CA TYR B 21 -5.97 -27.84 5.07
C TYR B 21 -6.74 -28.67 4.02
N PRO B 22 -7.41 -29.76 4.48
CA PRO B 22 -8.10 -30.68 3.58
C PRO B 22 -9.05 -29.97 2.62
N ASN B 23 -9.02 -30.38 1.34
CA ASN B 23 -9.83 -29.76 0.27
C ASN B 23 -9.52 -28.30 -0.07
N THR B 24 -8.34 -27.83 0.32
CA THR B 24 -7.93 -26.46 0.08
C THR B 24 -6.52 -26.44 -0.49
N THR B 25 -6.05 -25.25 -0.88
CA THR B 25 -4.67 -25.07 -1.29
C THR B 25 -3.99 -24.09 -0.36
N THR B 26 -4.53 -23.92 0.86
CA THR B 26 -3.99 -22.92 1.77
C THR B 26 -3.26 -23.65 2.88
N LEU B 27 -1.98 -23.29 3.05
CA LEU B 27 -1.08 -23.96 3.99
C LEU B 27 -1.59 -23.80 5.41
N LYS B 28 -1.41 -24.85 6.22
CA LYS B 28 -1.76 -24.78 7.63
C LYS B 28 -0.92 -23.68 8.26
N ASN B 29 -1.55 -22.88 9.12
CA ASN B 29 -0.91 -21.73 9.72
C ASN B 29 -1.38 -21.44 11.13
N LYS B 30 -0.56 -20.73 11.89
CA LYS B 30 -0.85 -20.37 13.29
C LYS B 30 -2.14 -19.56 13.48
N TYR B 31 -2.62 -18.90 12.43
CA TYR B 31 -3.83 -18.11 12.53
C TYR B 31 -5.07 -18.99 12.53
N GLY B 32 -4.94 -20.19 11.98
CA GLY B 32 -6.11 -21.06 11.79
C GLY B 32 -6.98 -20.68 10.60
N ILE B 33 -6.54 -19.70 9.80
CA ILE B 33 -7.31 -19.22 8.66
C ILE B 33 -7.20 -20.21 7.51
N LYS B 34 -8.31 -20.85 7.16
CA LYS B 34 -8.37 -21.79 6.03
C LYS B 34 -8.52 -21.09 4.68
N ASN B 35 -8.97 -19.83 4.71
CA ASN B 35 -9.14 -19.07 3.48
C ASN B 35 -7.82 -18.62 2.91
N LEU B 36 -7.62 -18.79 1.61
CA LEU B 36 -6.36 -18.41 0.98
C LEU B 36 -6.12 -16.91 1.09
N ASN B 37 -7.10 -16.11 0.68
CA ASN B 37 -7.01 -14.64 0.71
C ASN B 37 -6.80 -14.07 2.13
N ALA B 38 -7.61 -14.53 3.08
CA ALA B 38 -7.50 -14.09 4.46
C ALA B 38 -6.11 -14.40 5.02
N PHE B 39 -5.63 -15.61 4.74
CA PHE B 39 -4.31 -16.05 5.17
C PHE B 39 -3.16 -15.28 4.51
N LEU B 40 -3.25 -15.06 3.20
CA LEU B 40 -2.16 -14.38 2.49
C LEU B 40 -2.00 -12.95 2.98
N GLU B 41 -3.14 -12.31 3.26
CA GLU B 41 -3.16 -10.95 3.78
C GLU B 41 -2.51 -10.87 5.14
N LYS B 42 -2.81 -11.83 6.01
CA LYS B 42 -2.30 -11.83 7.39
C LYS B 42 -0.80 -12.18 7.39
N CYS B 43 -0.43 -13.14 6.55
CA CYS B 43 0.96 -13.55 6.38
C CYS B 43 1.78 -12.37 5.86
N SER B 44 1.30 -11.76 4.78
CA SER B 44 1.98 -10.62 4.18
C SER B 44 2.24 -9.49 5.22
N HIS B 45 1.26 -9.23 6.08
CA HIS B 45 1.33 -8.22 7.15
C HIS B 45 2.38 -8.58 8.19
N ASP B 46 2.36 -9.84 8.65
CA ASP B 46 3.22 -10.27 9.75
C ASP B 46 4.70 -10.36 9.34
N THR B 47 4.96 -10.74 8.10
CA THR B 47 6.32 -10.82 7.58
C THR B 47 6.87 -9.42 7.29
N ALA B 48 6.03 -8.53 6.79
CA ALA B 48 6.45 -7.14 6.55
C ALA B 48 6.97 -6.51 7.85
N LYS B 49 6.31 -6.81 8.98
CA LYS B 49 6.77 -6.36 10.31
C LYS B 49 8.10 -7.00 10.73
N ALA B 50 8.17 -8.32 10.58
CA ALA B 50 9.37 -9.06 10.96
C ALA B 50 10.57 -8.67 10.09
N MSE B 51 10.29 -8.28 8.85
CA MSE B 51 11.33 -7.75 7.94
C MSE B 51 11.99 -6.49 8.47
O MSE B 51 13.21 -6.34 8.40
CB MSE B 51 10.75 -7.46 6.55
CG MSE B 51 10.97 -8.57 5.55
SE MSE B 51 12.88 -8.93 5.38
CE MSE B 51 13.48 -7.11 5.31
N ILE B 52 11.17 -5.59 8.99
CA ILE B 52 11.66 -4.36 9.59
C ILE B 52 12.73 -4.66 10.66
N ASN B 53 12.46 -5.62 11.52
CA ASN B 53 13.35 -5.92 12.64
C ASN B 53 14.59 -6.72 12.21
N LEU B 54 14.43 -7.70 11.34
CA LEU B 54 15.56 -8.48 10.80
C LEU B 54 16.64 -7.61 10.16
N ARG B 55 16.24 -6.59 9.41
CA ARG B 55 17.20 -5.70 8.79
C ARG B 55 18.01 -4.89 9.83
N GLU B 56 17.44 -4.71 11.02
CA GLU B 56 18.13 -3.98 12.11
C GLU B 56 19.19 -4.81 12.83
N GLU B 57 19.03 -6.13 12.86
CA GLU B 57 19.98 -6.99 13.58
C GLU B 57 21.36 -6.95 12.89
N SER B 58 22.40 -7.25 13.66
CA SER B 58 23.77 -7.24 13.16
C SER B 58 24.04 -8.37 12.18
N LEU B 59 24.93 -8.14 11.22
CA LEU B 59 25.31 -9.19 10.26
C LEU B 59 26.03 -10.33 10.96
N PRO B 60 25.85 -11.56 10.46
CA PRO B 60 26.51 -12.68 11.11
C PRO B 60 27.94 -12.77 10.59
N GLU B 61 28.81 -13.45 11.32
CA GLU B 61 30.16 -13.73 10.84
C GLU B 61 30.11 -14.94 9.92
N TYR B 62 29.29 -15.92 10.26
CA TYR B 62 29.12 -17.12 9.44
C TYR B 62 27.86 -17.05 8.58
N PHE B 63 28.06 -17.13 7.26
CA PHE B 63 26.95 -17.32 6.33
C PHE B 63 26.83 -18.79 5.97
N ASP B 64 26.03 -19.51 6.75
CA ASP B 64 25.74 -20.92 6.51
C ASP B 64 24.22 -21.12 6.45
N THR B 65 23.80 -22.36 6.25
CA THR B 65 22.36 -22.62 6.16
C THR B 65 21.65 -22.35 7.49
N ALA B 66 22.34 -22.48 8.61
CA ALA B 66 21.77 -22.13 9.90
C ALA B 66 21.34 -20.65 9.93
N TYR B 67 22.10 -19.78 9.26
CA TYR B 67 21.72 -18.38 9.17
C TYR B 67 20.50 -18.24 8.27
N LEU B 68 20.48 -19.00 7.20
CA LEU B 68 19.32 -19.04 6.33
C LEU B 68 18.10 -19.41 7.15
N CYS B 69 18.24 -20.41 8.02
CA CYS B 69 17.13 -20.86 8.87
C CYS B 69 16.69 -19.81 9.87
N HIS B 70 17.66 -19.07 10.41
CA HIS B 70 17.35 -18.01 11.37
C HIS B 70 16.51 -16.91 10.75
N ILE B 71 16.82 -16.56 9.51
CA ILE B 71 16.03 -15.58 8.77
C ILE B 71 14.59 -16.10 8.59
N HIS B 72 14.45 -17.29 8.02
CA HIS B 72 13.13 -17.90 7.79
C HIS B 72 12.36 -18.00 9.10
N GLN B 73 13.04 -18.43 10.16
CA GLN B 73 12.40 -18.58 11.47
C GLN B 73 11.88 -17.26 11.99
N GLN B 74 12.63 -16.19 11.75
CA GLN B 74 12.24 -14.87 12.24
C GLN B 74 11.14 -14.23 11.41
N LEU B 75 11.12 -14.51 10.12
CA LEU B 75 10.06 -14.04 9.23
C LEU B 75 8.71 -14.73 9.49
N PHE B 76 8.73 -16.05 9.71
CA PHE B 76 7.50 -16.83 9.73
C PHE B 76 7.15 -17.42 11.10
N LYS B 77 7.76 -16.90 12.17
CA LYS B 77 7.48 -17.39 13.52
C LYS B 77 6.01 -17.30 13.91
N ASN B 78 5.29 -16.31 13.40
CA ASN B 78 3.87 -16.10 13.74
C ASN B 78 2.90 -16.62 12.71
N THR B 79 3.43 -17.28 11.67
CA THR B 79 2.62 -17.78 10.55
C THR B 79 2.63 -19.31 10.51
N PHE B 80 3.82 -19.91 10.46
CA PHE B 80 3.96 -21.36 10.37
C PHE B 80 4.58 -21.98 11.63
N GLU B 81 4.17 -23.21 11.93
CA GLU B 81 4.75 -23.99 13.03
C GLU B 81 6.13 -24.51 12.66
N TRP B 82 6.38 -24.67 11.35
CA TRP B 82 7.66 -25.15 10.83
C TRP B 82 8.55 -23.98 10.43
N ALA B 83 8.39 -22.85 11.10
CA ALA B 83 9.04 -21.59 10.75
C ALA B 83 10.54 -21.66 10.44
N GLY B 84 11.33 -22.31 11.27
CA GLY B 84 12.77 -22.37 11.00
C GLY B 84 13.26 -23.68 10.41
N TYR B 85 12.39 -24.42 9.72
CA TYR B 85 12.67 -25.81 9.36
C TYR B 85 12.88 -26.02 7.86
N LEU B 86 13.86 -26.86 7.53
CA LEU B 86 14.08 -27.26 6.15
C LEU B 86 13.11 -28.38 5.75
N ARG B 87 12.67 -28.35 4.50
CA ARG B 87 11.55 -29.20 4.04
C ARG B 87 11.86 -30.70 4.00
N HIS B 88 13.14 -31.04 3.97
CA HIS B 88 13.54 -32.44 3.80
C HIS B 88 13.40 -33.30 5.04
N ILE B 89 13.21 -32.67 6.19
CA ILE B 89 12.94 -33.45 7.40
C ILE B 89 11.43 -33.43 7.65
N PRO B 90 10.82 -34.62 7.73
CA PRO B 90 9.42 -34.75 8.10
C PRO B 90 9.08 -33.85 9.28
N PHE B 91 7.94 -33.17 9.20
CA PHE B 91 7.49 -32.26 10.24
C PHE B 91 6.13 -32.65 10.79
N THR B 92 6.01 -32.73 12.12
CA THR B 92 4.74 -32.99 12.77
C THR B 92 4.13 -31.70 13.35
N PHE B 93 2.87 -31.47 13.01
CA PHE B 93 2.12 -30.31 13.49
C PHE B 93 1.47 -30.57 14.84
N ALA B 94 0.94 -29.51 15.44
CA ALA B 94 0.18 -29.61 16.71
C ALA B 94 -1.05 -30.50 16.56
N ASP B 95 -1.62 -30.56 15.35
CA ASP B 95 -2.80 -31.37 15.08
C ASP B 95 -2.50 -32.88 14.92
N GLY B 96 -1.23 -33.28 14.95
CA GLY B 96 -0.85 -34.70 14.98
C GLY B 96 -0.41 -35.32 13.66
N THR B 97 -0.80 -34.69 12.55
CA THR B 97 -0.38 -35.14 11.21
C THR B 97 1.07 -34.74 10.93
N THR B 98 1.75 -35.54 10.12
CA THR B 98 3.14 -35.30 9.73
C THR B 98 3.25 -35.10 8.23
N ALA B 99 3.88 -34.00 7.86
CA ALA B 99 4.08 -33.65 6.45
C ALA B 99 5.52 -33.91 6.07
N ALA B 100 5.78 -34.04 4.77
CA ALA B 100 7.15 -34.22 4.28
C ALA B 100 7.28 -33.95 2.80
N MSE B 101 8.51 -34.10 2.32
CA MSE B 101 8.85 -33.87 0.92
C MSE B 101 8.24 -34.89 -0.06
O MSE B 101 8.13 -36.08 0.26
CB MSE B 101 10.36 -33.96 0.74
CG MSE B 101 11.12 -32.67 0.63
SE MSE B 101 12.98 -33.17 0.28
CE MSE B 101 12.85 -33.66 -1.63
N PRO B 102 7.87 -34.43 -1.27
CA PRO B 102 7.67 -35.38 -2.37
C PRO B 102 9.03 -35.93 -2.78
N GLU B 103 9.17 -37.25 -2.69
CA GLU B 103 10.46 -37.91 -2.86
C GLU B 103 10.56 -38.51 -4.26
N MSE B 104 11.80 -38.72 -4.73
CA MSE B 104 12.05 -39.27 -6.09
C MSE B 104 12.95 -40.51 -6.12
O MSE B 104 13.07 -41.24 -5.14
CB MSE B 104 12.66 -38.20 -6.99
CG MSE B 104 14.00 -37.65 -6.52
SE MSE B 104 14.00 -35.71 -6.76
CE MSE B 104 12.83 -35.21 -5.24
N LYS B 105 13.26 -41.08 -6.94
CA LYS B 105 13.47 -42.53 -6.92
C LYS B 105 14.59 -43.15 -6.08
N ARG B 106 14.40 -44.46 -5.88
CA ARG B 106 15.37 -45.45 -5.38
C ARG B 106 15.24 -45.74 -3.88
N THR B 107 14.06 -46.17 -3.44
CA THR B 107 13.88 -46.57 -2.02
C THR B 107 14.54 -47.91 -1.79
N GLY B 108 14.18 -48.87 -2.63
CA GLY B 108 14.68 -50.23 -2.49
C GLY B 108 16.17 -50.27 -2.23
N TRP B 109 16.91 -49.39 -2.90
CA TRP B 109 18.35 -49.40 -2.86
C TRP B 109 18.96 -48.23 -2.12
N LYS B 110 18.23 -48.05 -0.89
CA LYS B 110 18.98 -46.99 -0.22
C LYS B 110 20.46 -47.38 -0.15
N ASN B 111 21.35 -46.41 -0.40
CA ASN B 111 22.80 -46.60 -0.30
C ASN B 111 23.29 -46.06 1.04
N ALA B 112 23.76 -46.98 1.89
CA ALA B 112 24.18 -46.66 3.26
C ALA B 112 25.25 -45.57 3.28
N PHE B 113 26.19 -45.62 2.34
CA PHE B 113 27.37 -44.77 2.34
C PHE B 113 27.25 -43.51 1.47
N ALA B 114 26.03 -43.04 1.25
CA ALA B 114 25.78 -41.86 0.43
C ALA B 114 25.03 -40.84 1.25
N ILE B 115 25.08 -39.58 0.82
CA ILE B 115 24.38 -38.51 1.53
C ILE B 115 22.86 -38.77 1.51
N GLY B 116 22.16 -38.19 2.49
CA GLY B 116 20.73 -38.43 2.71
C GLY B 116 19.84 -38.09 1.53
N ASP B 117 20.03 -36.90 0.97
CA ASP B 117 19.21 -36.44 -0.16
C ASP B 117 19.82 -35.25 -0.92
N GLU B 118 19.15 -34.83 -1.98
CA GLU B 118 19.62 -33.74 -2.83
C GLU B 118 19.66 -32.37 -2.10
N ILE B 119 18.81 -32.18 -1.10
CA ILE B 119 18.83 -30.91 -0.38
C ILE B 119 20.06 -30.78 0.51
N GLN B 120 20.30 -31.79 1.34
CA GLN B 120 21.47 -31.80 2.21
C GLN B 120 22.78 -31.60 1.43
N GLU B 121 22.95 -32.33 0.33
CA GLU B 121 24.16 -32.21 -0.47
C GLU B 121 24.31 -30.76 -0.93
N GLY B 122 23.19 -30.14 -1.28
CA GLY B 122 23.18 -28.75 -1.76
C GLY B 122 23.51 -27.72 -0.69
N LEU B 123 22.84 -27.80 0.44
CA LEU B 123 23.06 -26.89 1.55
C LEU B 123 24.45 -27.03 2.17
N GLN B 124 24.97 -28.26 2.25
CA GLN B 124 26.33 -28.50 2.72
C GLN B 124 27.37 -27.96 1.74
N ARG B 125 27.06 -27.98 0.44
CA ARG B 125 27.95 -27.43 -0.59
C ARG B 125 27.99 -25.91 -0.49
N LEU B 126 26.81 -25.31 -0.37
CA LEU B 126 26.67 -23.87 -0.20
C LEU B 126 27.48 -23.39 0.99
N ASP B 127 27.33 -24.10 2.11
CA ASP B 127 28.10 -23.81 3.31
C ASP B 127 29.60 -23.83 3.00
N GLN B 128 30.03 -24.91 2.36
CA GLN B 128 31.43 -25.22 2.14
C GLN B 128 32.15 -24.24 1.23
N THR B 129 31.47 -23.80 0.17
CA THR B 129 32.05 -22.86 -0.76
C THR B 129 32.08 -21.44 -0.19
N LEU B 130 31.04 -21.05 0.54
CA LEU B 130 31.04 -19.78 1.26
C LEU B 130 32.18 -19.74 2.27
N ALA B 131 32.46 -20.87 2.92
CA ALA B 131 33.59 -20.96 3.85
C ALA B 131 34.92 -20.75 3.11
N GLU B 132 35.10 -21.47 2.01
CA GLU B 132 36.38 -21.48 1.29
C GLU B 132 36.68 -20.17 0.56
N LYS B 133 35.66 -19.33 0.37
CA LYS B 133 35.84 -18.04 -0.31
C LYS B 133 35.58 -16.86 0.63
N ASN B 134 35.77 -17.09 1.93
CA ASN B 134 35.57 -16.08 2.98
C ASN B 134 34.37 -15.22 2.66
N ASN B 135 33.23 -15.87 2.45
CA ASN B 135 31.97 -15.20 2.17
C ASN B 135 32.05 -14.18 1.01
N LEU B 136 32.87 -14.50 0.01
CA LEU B 136 33.05 -13.65 -1.18
C LEU B 136 33.48 -12.22 -0.81
N GLN B 137 34.55 -12.09 -0.03
CA GLN B 137 34.84 -10.85 0.68
C GLN B 137 35.79 -9.89 -0.04
N GLY B 138 36.96 -10.39 -0.44
CA GLY B 138 37.99 -9.53 -1.01
C GLY B 138 37.90 -9.41 -2.52
N LEU B 139 36.70 -9.14 -3.02
CA LEU B 139 36.40 -9.23 -4.46
C LEU B 139 35.89 -7.92 -5.03
N THR B 140 35.99 -7.78 -6.36
CA THR B 140 35.36 -6.66 -7.09
C THR B 140 33.89 -6.99 -7.35
N ARG B 141 33.09 -6.00 -7.74
CA ARG B 141 31.66 -6.22 -8.00
C ARG B 141 31.43 -7.30 -9.03
N GLU B 142 32.13 -7.20 -10.16
CA GLU B 142 31.99 -8.17 -11.24
C GLU B 142 32.31 -9.58 -10.75
N GLU B 143 33.44 -9.72 -10.06
CA GLU B 143 33.86 -11.00 -9.45
C GLU B 143 32.87 -11.52 -8.39
N PHE B 144 32.38 -10.62 -7.54
CA PHE B 144 31.38 -10.98 -6.53
C PHE B 144 30.08 -11.42 -7.20
N ASN B 145 29.58 -10.60 -8.12
CA ASN B 145 28.32 -10.90 -8.81
C ASN B 145 28.36 -12.25 -9.52
N SER B 146 29.51 -12.55 -10.13
CA SER B 146 29.66 -13.79 -10.88
C SER B 146 29.56 -14.99 -9.93
N GLU B 147 30.29 -14.93 -8.81
CA GLU B 147 30.24 -15.96 -7.78
C GLU B 147 28.91 -16.02 -7.03
N ALA B 148 28.28 -14.86 -6.83
CA ALA B 148 26.99 -14.79 -6.15
C ALA B 148 25.86 -15.41 -6.98
N ILE B 149 25.84 -15.12 -8.28
CA ILE B 149 24.83 -15.69 -9.17
C ILE B 149 24.88 -17.22 -9.15
N GLU B 150 26.10 -17.77 -9.19
CA GLU B 150 26.29 -19.22 -9.12
C GLU B 150 25.60 -19.76 -7.88
N LEU B 151 25.85 -19.14 -6.73
CA LEU B 151 25.30 -19.62 -5.45
C LEU B 151 23.79 -19.42 -5.35
N PHE B 152 23.32 -18.25 -5.79
CA PHE B 152 21.90 -17.92 -5.74
C PHE B 152 21.10 -18.93 -6.53
N ASN B 153 21.44 -19.08 -7.81
CA ASN B 153 20.79 -20.05 -8.68
C ASN B 153 20.75 -21.43 -8.03
N SER B 154 21.88 -21.82 -7.44
CA SER B 154 21.99 -23.11 -6.82
C SER B 154 21.04 -23.24 -5.63
N LEU B 155 20.95 -22.19 -4.82
CA LEU B 155 20.01 -22.18 -3.69
C LEU B 155 18.57 -22.01 -4.15
N ASN B 156 18.38 -21.36 -5.29
CA ASN B 156 17.04 -21.03 -5.75
C ASN B 156 16.32 -22.25 -6.31
N GLN B 157 17.03 -23.13 -7.02
CA GLN B 157 16.38 -24.34 -7.54
C GLN B 157 16.26 -25.40 -6.45
N LEU B 158 16.93 -25.19 -5.32
CA LEU B 158 16.80 -26.09 -4.18
C LEU B 158 15.43 -25.98 -3.51
N HIS B 159 14.90 -24.76 -3.38
CA HIS B 159 13.64 -24.53 -2.67
C HIS B 159 13.69 -25.13 -1.24
N PRO B 160 14.74 -24.81 -0.45
CA PRO B 160 15.05 -25.53 0.80
C PRO B 160 13.95 -25.54 1.87
N PHE B 161 13.08 -24.53 1.87
CA PHE B 161 11.94 -24.48 2.77
C PHE B 161 10.64 -24.78 2.02
N ARG B 162 9.65 -25.30 2.75
CA ARG B 162 8.34 -25.63 2.16
C ARG B 162 7.69 -24.42 1.52
N GLU B 163 7.82 -23.28 2.17
CA GLU B 163 7.34 -22.03 1.61
C GLU B 163 8.12 -20.87 2.22
N GLY B 164 8.07 -19.72 1.58
CA GLY B 164 8.75 -18.53 2.10
C GLY B 164 10.23 -18.46 1.73
N ASN B 165 10.59 -19.08 0.63
CA ASN B 165 11.98 -19.10 0.20
C ASN B 165 12.38 -17.72 -0.27
N GLY B 166 11.58 -17.15 -1.15
CA GLY B 166 11.87 -15.86 -1.76
C GLY B 166 12.45 -14.80 -0.83
N ARG B 167 11.69 -14.45 0.20
CA ARG B 167 12.10 -13.37 1.11
C ARG B 167 13.35 -13.74 1.89
N THR B 168 13.40 -14.95 2.41
CA THR B 168 14.55 -15.36 3.22
C THR B 168 15.80 -15.46 2.34
N GLN B 169 15.61 -15.85 1.09
CA GLN B 169 16.69 -15.94 0.11
C GLN B 169 17.20 -14.54 -0.24
N ARG B 170 16.29 -13.66 -0.61
CA ARG B 170 16.63 -12.29 -0.99
C ARG B 170 17.31 -11.52 0.15
N LEU B 171 16.95 -11.79 1.40
CA LEU B 171 17.56 -11.08 2.54
C LEU B 171 18.98 -11.61 2.84
N PHE B 172 19.15 -12.92 2.69
CA PHE B 172 20.44 -13.59 2.88
C PHE B 172 21.49 -12.94 2.00
N PHE B 173 21.15 -12.75 0.74
CA PHE B 173 22.10 -12.25 -0.23
C PHE B 173 22.29 -10.73 -0.16
N GLU B 174 21.26 -10.00 0.26
CA GLU B 174 21.41 -8.57 0.48
C GLU B 174 22.43 -8.32 1.60
N ASN B 175 22.39 -9.16 2.63
CA ASN B 175 23.36 -9.09 3.73
C ASN B 175 24.73 -9.59 3.31
N LEU B 176 24.76 -10.70 2.58
CA LEU B 176 26.02 -11.24 2.08
C LEU B 176 26.74 -10.19 1.25
N ALA B 177 25.97 -9.45 0.45
CA ALA B 177 26.50 -8.40 -0.40
C ALA B 177 27.03 -7.23 0.40
N LYS B 178 26.27 -6.80 1.42
CA LYS B 178 26.67 -5.68 2.29
C LYS B 178 27.92 -6.02 3.09
N ALA B 179 27.93 -7.23 3.66
CA ALA B 179 29.11 -7.76 4.37
C ALA B 179 30.36 -7.87 3.49
N ALA B 180 30.18 -7.99 2.18
CA ALA B 180 31.29 -8.14 1.22
C ALA B 180 31.78 -6.82 0.66
N GLY B 181 31.15 -5.71 1.07
CA GLY B 181 31.50 -4.38 0.60
C GLY B 181 30.86 -4.00 -0.72
N HIS B 182 29.71 -4.61 -1.02
CA HIS B 182 28.97 -4.36 -2.26
C HIS B 182 27.48 -4.19 -1.94
N GLN B 183 26.64 -4.08 -2.96
CA GLN B 183 25.20 -3.88 -2.78
C GLN B 183 24.39 -4.90 -3.58
N LEU B 184 23.26 -5.32 -3.00
CA LEU B 184 22.22 -6.02 -3.73
C LEU B 184 20.85 -5.63 -3.18
N ASN B 185 20.29 -4.55 -3.72
CA ASN B 185 18.93 -4.09 -3.35
C ASN B 185 17.81 -4.85 -4.05
N PHE B 186 17.44 -6.01 -3.52
CA PHE B 186 16.36 -6.81 -4.11
C PHE B 186 15.00 -6.11 -4.01
N SER B 187 14.89 -5.19 -3.06
CA SER B 187 13.71 -4.35 -2.92
C SER B 187 13.26 -3.78 -4.26
N LEU B 188 14.21 -3.49 -5.15
CA LEU B 188 13.90 -2.88 -6.45
C LEU B 188 13.60 -3.91 -7.56
N ILE B 189 13.31 -5.15 -7.18
CA ILE B 189 13.08 -6.22 -8.15
C ILE B 189 11.68 -6.81 -7.99
N THR B 190 10.85 -6.64 -9.01
CA THR B 190 9.48 -7.14 -8.96
C THR B 190 9.47 -8.69 -8.91
N LYS B 191 8.43 -9.26 -8.30
CA LYS B 191 8.22 -10.73 -8.30
C LYS B 191 8.27 -11.30 -9.73
N GLU B 192 7.76 -10.52 -10.67
CA GLU B 192 7.69 -10.93 -12.06
C GLU B 192 9.07 -11.10 -12.69
N ARG B 193 9.95 -10.11 -12.46
CA ARG B 193 11.29 -10.13 -13.05
C ARG B 193 12.12 -11.25 -12.49
N MSE B 194 12.03 -11.47 -11.19
CA MSE B 194 12.70 -12.59 -10.54
C MSE B 194 12.28 -13.94 -11.11
O MSE B 194 13.10 -14.83 -11.30
CB MSE B 194 12.43 -12.59 -9.02
CG MSE B 194 13.65 -12.23 -8.20
SE MSE B 194 15.03 -13.57 -8.43
CE MSE B 194 14.05 -15.01 -7.51
N MSE B 195 11.00 -14.07 -11.40
CA MSE B 195 10.46 -15.29 -11.95
C MSE B 195 11.01 -15.57 -13.34
O MSE B 195 11.35 -16.71 -13.67
CB MSE B 195 8.95 -15.20 -12.04
CG MSE B 195 8.29 -16.49 -12.45
SE MSE B 195 6.45 -16.51 -11.85
CE MSE B 195 6.73 -16.42 -9.89
N VAL B 196 11.07 -14.52 -14.16
CA VAL B 196 11.53 -14.67 -15.53
C VAL B 196 13.01 -15.08 -15.56
N ALA B 197 13.80 -14.46 -14.68
CA ALA B 197 15.22 -14.77 -14.60
C ALA B 197 15.42 -16.17 -14.05
N SER B 198 14.58 -16.56 -13.10
CA SER B 198 14.62 -17.92 -12.55
C SER B 198 14.22 -18.97 -13.58
N VAL B 199 13.12 -18.72 -14.30
CA VAL B 199 12.66 -19.66 -15.31
C VAL B 199 13.71 -19.83 -16.42
N ALA B 200 14.38 -18.73 -16.76
CA ALA B 200 15.44 -18.73 -17.76
C ALA B 200 16.62 -19.64 -17.38
N VAL B 201 17.02 -19.60 -16.12
CA VAL B 201 18.14 -20.41 -15.63
C VAL B 201 17.75 -21.88 -15.55
N ALA B 202 16.54 -22.13 -15.04
CA ALA B 202 16.08 -23.49 -14.81
C ALA B 202 15.81 -24.25 -16.11
N GLU B 203 15.47 -23.51 -17.18
CA GLU B 203 15.09 -24.12 -18.44
C GLU B 203 16.24 -24.16 -19.46
N ASN B 204 16.68 -22.99 -19.88
CA ASN B 204 17.73 -22.88 -20.91
C ASN B 204 19.12 -23.10 -20.34
N GLY B 205 19.28 -22.87 -19.05
CA GLY B 205 20.60 -22.70 -18.44
C GLY B 205 21.12 -21.29 -18.67
N ASP B 206 20.22 -20.38 -19.07
CA ASP B 206 20.58 -19.06 -19.56
C ASP B 206 20.72 -18.05 -18.42
N LEU B 207 21.94 -17.56 -18.20
CA LEU B 207 22.24 -16.65 -17.09
C LEU B 207 21.98 -15.17 -17.41
N GLU B 208 21.69 -14.83 -18.65
CA GLU B 208 21.68 -13.43 -19.06
C GLU B 208 20.63 -12.57 -18.33
N PRO B 209 19.39 -13.06 -18.25
CA PRO B 209 18.41 -12.28 -17.48
C PRO B 209 18.82 -12.07 -16.02
N MSE B 210 19.41 -13.09 -15.41
CA MSE B 210 19.87 -13.01 -14.02
C MSE B 210 21.05 -12.08 -13.86
O MSE B 210 21.12 -11.28 -12.93
CB MSE B 210 20.25 -14.39 -13.49
CG MSE B 210 19.09 -15.11 -12.87
SE MSE B 210 18.73 -14.45 -11.08
CE MSE B 210 20.24 -15.30 -10.19
N GLN B 211 22.02 -12.20 -14.77
CA GLN B 211 23.17 -11.32 -14.78
C GLN B 211 22.68 -9.86 -14.85
N HIS B 212 21.73 -9.62 -15.75
CA HIS B 212 21.09 -8.31 -15.92
C HIS B 212 20.42 -7.87 -14.62
N LEU B 213 19.67 -8.79 -13.99
CA LEU B 213 18.99 -8.52 -12.72
C LEU B 213 19.97 -8.03 -11.68
N PHE B 214 21.04 -8.79 -11.47
CA PHE B 214 22.06 -8.44 -10.49
C PHE B 214 22.76 -7.12 -10.82
N GLU B 215 22.98 -6.83 -12.09
CA GLU B 215 23.67 -5.60 -12.49
C GLU B 215 22.87 -4.37 -12.06
N ASP B 216 21.58 -4.35 -12.38
CA ASP B 216 20.68 -3.24 -12.05
C ASP B 216 20.54 -3.00 -10.55
N ILE B 217 20.78 -4.05 -9.78
CA ILE B 217 20.62 -4.06 -8.33
C ILE B 217 21.92 -3.79 -7.56
N SER B 218 23.06 -3.88 -8.25
CA SER B 218 24.36 -3.67 -7.61
C SER B 218 25.08 -2.42 -8.10
N ASN B 219 24.88 -2.09 -9.37
CA ASN B 219 25.51 -0.91 -10.00
C ASN B 219 24.83 0.40 -9.55
N PRO B 220 25.53 1.25 -8.77
CA PRO B 220 24.93 2.46 -8.20
C PRO B 220 24.32 3.40 -9.23
N GLU B 221 24.85 3.37 -10.45
CA GLU B 221 24.34 4.21 -11.53
C GLU B 221 22.97 3.74 -12.03
N LYS B 222 22.67 2.46 -11.80
CA LYS B 222 21.36 1.92 -12.17
C LYS B 222 20.44 1.83 -10.96
N ILE B 223 21.00 1.74 -9.77
CA ILE B 223 20.20 1.72 -8.55
C ILE B 223 19.42 3.02 -8.43
N ARG B 224 20.13 4.15 -8.45
CA ARG B 224 19.49 5.46 -8.33
C ARG B 224 18.33 5.64 -9.33
N LEU B 225 18.43 5.01 -10.50
CA LEU B 225 17.36 5.09 -11.53
C LEU B 225 16.10 4.29 -11.16
N LEU B 226 16.29 3.06 -10.70
CA LEU B 226 15.15 2.28 -10.22
C LEU B 226 14.53 2.87 -8.93
N LYS B 227 15.37 3.41 -8.03
CA LYS B 227 14.90 4.03 -6.80
C LYS B 227 13.90 5.15 -7.11
N GLU B 228 14.26 6.00 -8.07
CA GLU B 228 13.41 7.10 -8.50
C GLU B 228 12.10 6.59 -9.10
N PHE B 229 12.20 5.59 -9.97
CA PHE B 229 11.02 5.09 -10.66
C PHE B 229 10.01 4.52 -9.68
N MSE B 230 10.49 3.70 -8.75
CA MSE B 230 9.64 3.08 -7.76
C MSE B 230 8.95 4.13 -6.88
O MSE B 230 7.81 3.93 -6.48
CB MSE B 230 10.45 2.11 -6.90
CG MSE B 230 10.96 0.91 -7.67
SE MSE B 230 9.50 -0.28 -8.24
CE MSE B 230 9.29 -1.36 -6.60
N HIS B 231 9.65 5.24 -6.62
CA HIS B 231 9.09 6.36 -5.83
C HIS B 231 7.86 6.95 -6.50
N THR B 232 7.89 7.03 -7.84
CA THR B 232 6.78 7.62 -8.58
C THR B 232 5.50 6.80 -8.44
N MSE B 233 5.61 5.52 -8.06
CA MSE B 233 4.45 4.66 -7.84
C MSE B 233 3.86 4.85 -6.44
O MSE B 233 2.71 4.47 -6.20
CB MSE B 233 4.82 3.20 -8.07
CG MSE B 233 5.40 2.88 -9.42
SE MSE B 233 4.20 3.39 -10.89
CE MSE B 233 2.80 2.08 -10.60
N LYS B 234 4.64 5.41 -5.51
CA LYS B 234 4.20 5.55 -4.11
C LYS B 234 2.94 6.43 -4.04
N ASN B 235 1.96 5.97 -3.27
CA ASN B 235 0.65 6.62 -3.13
C ASN B 235 -0.15 6.83 -4.42
N THR B 236 0.19 6.10 -5.47
CA THR B 236 -0.55 6.20 -6.73
C THR B 236 -1.71 5.19 -6.79
N GLY B 237 -1.75 4.28 -5.83
CA GLY B 237 -2.75 3.22 -5.79
C GLY B 237 -2.45 2.09 -6.76
N ARG B 238 -1.19 2.02 -7.20
CA ARG B 238 -0.77 1.09 -8.25
C ARG B 238 -0.02 -0.10 -7.72
N ASN B 239 0.18 -1.08 -8.60
CA ASN B 239 0.88 -2.33 -8.29
C ASN B 239 1.73 -2.74 -9.49
N VAL B 240 3.03 -2.50 -9.39
CA VAL B 240 3.98 -2.87 -10.44
C VAL B 240 4.53 -4.28 -10.22
N ASN B 241 4.32 -4.82 -9.01
CA ASN B 241 4.99 -6.05 -8.58
C ASN B 241 4.86 -7.25 -9.51
N ASP B 242 3.77 -7.33 -10.28
CA ASP B 242 3.56 -8.44 -11.22
C ASP B 242 3.97 -8.08 -12.65
N ARG B 243 4.82 -7.07 -12.80
CA ARG B 243 5.20 -6.56 -14.12
C ARG B 243 6.71 -6.50 -14.26
N PRO B 244 7.23 -6.66 -15.49
CA PRO B 244 8.67 -6.54 -15.71
C PRO B 244 9.20 -5.11 -15.65
N VAL B 245 10.22 -4.88 -14.82
CA VAL B 245 10.84 -3.56 -14.65
C VAL B 245 12.37 -3.68 -14.67
N MSE B 246 13.02 -2.99 -15.62
CA MSE B 246 14.48 -3.05 -15.80
C MSE B 246 15.08 -1.71 -16.10
O MSE B 246 14.37 -0.74 -16.37
CB MSE B 246 14.85 -3.95 -16.97
CG MSE B 246 14.44 -5.38 -16.83
SE MSE B 246 13.11 -5.77 -18.20
CE MSE B 246 11.79 -4.37 -17.86
N VAL B 247 16.41 -1.65 -16.06
CA VAL B 247 17.18 -0.55 -16.62
C VAL B 247 17.75 -1.01 -17.97
N ALA B 248 17.66 -0.15 -18.99
CA ALA B 248 18.05 -0.52 -20.35
C ALA B 248 19.47 -1.09 -20.40
N LYS B 249 19.63 -2.26 -21.01
CA LYS B 249 20.94 -2.85 -21.24
C LYS B 249 21.73 -1.97 -22.20
N GLU B 250 23.03 -1.80 -21.92
CA GLU B 250 23.90 -0.99 -22.76
C GLU B 250 24.12 -1.67 -24.10
N GLY B 251 24.08 -0.89 -25.17
CA GLY B 251 24.21 -1.42 -26.52
C GLY B 251 22.90 -1.82 -27.16
N GLU B 252 21.90 -2.17 -26.35
CA GLU B 252 20.61 -2.66 -26.88
C GLU B 252 19.62 -1.54 -27.20
N THR B 253 18.68 -1.85 -28.11
CA THR B 253 17.72 -0.90 -28.64
C THR B 253 16.29 -1.32 -28.34
N TYR B 254 15.60 -0.51 -27.53
CA TYR B 254 14.21 -0.75 -27.16
C TYR B 254 13.32 0.22 -27.93
N THR B 255 12.06 -0.17 -28.15
CA THR B 255 11.10 0.70 -28.83
C THR B 255 9.68 0.47 -28.33
N GLY B 256 8.98 1.57 -28.04
CA GLY B 256 7.61 1.51 -27.52
C GLY B 256 7.05 2.89 -27.22
N THR B 257 6.09 2.94 -26.30
CA THR B 257 5.47 4.21 -25.90
C THR B 257 6.15 4.83 -24.67
N TYR B 258 5.99 6.14 -24.54
CA TYR B 258 6.65 6.95 -23.51
C TYR B 258 5.76 7.06 -22.27
N ARG B 259 6.32 6.78 -21.09
CA ARG B 259 5.57 6.85 -19.83
C ARG B 259 5.97 8.06 -18.97
N GLY B 260 6.79 8.94 -19.53
CA GLY B 260 7.18 10.18 -18.86
C GLY B 260 8.60 10.15 -18.30
N ALA B 261 9.00 11.26 -17.69
CA ALA B 261 10.36 11.44 -17.18
C ALA B 261 10.40 11.69 -15.67
N GLY B 262 11.61 11.87 -15.16
CA GLY B 262 11.87 12.33 -13.79
C GLY B 262 13.14 13.14 -13.81
N LEU B 263 13.70 13.44 -12.63
CA LEU B 263 14.96 14.17 -12.56
C LEU B 263 16.10 13.38 -13.19
N GLU B 264 16.27 12.14 -12.71
CA GLU B 264 17.41 11.29 -13.08
C GLU B 264 17.14 10.38 -14.27
N GLY B 265 15.90 9.93 -14.43
CA GLY B 265 15.56 9.00 -15.50
C GLY B 265 14.11 9.03 -15.97
N PHE B 266 13.85 8.29 -17.05
CA PHE B 266 12.53 8.19 -17.66
C PHE B 266 12.08 6.71 -17.69
N ALA B 267 10.90 6.47 -18.26
CA ALA B 267 10.35 5.13 -18.39
C ALA B 267 9.66 4.95 -19.75
N LEU B 268 9.78 3.75 -20.30
CA LEU B 268 9.06 3.35 -21.51
C LEU B 268 8.02 2.28 -21.19
N ASN B 269 7.29 1.88 -22.23
CA ASN B 269 6.49 0.66 -22.20
C ASN B 269 6.80 -0.14 -23.46
N VAL B 270 7.34 -1.35 -23.28
CA VAL B 270 7.65 -2.24 -24.41
C VAL B 270 6.95 -3.59 -24.23
N LYS B 271 5.80 -3.72 -24.87
CA LYS B 271 4.97 -4.92 -24.78
C LYS B 271 4.75 -5.33 -23.31
N GLY B 272 4.30 -4.37 -22.51
CA GLY B 272 3.96 -4.61 -21.11
C GLY B 272 5.07 -4.33 -20.13
N ALA B 273 6.31 -4.26 -20.61
CA ALA B 273 7.48 -4.07 -19.74
C ALA B 273 7.67 -2.61 -19.40
N TYR B 274 8.47 -2.33 -18.38
CA TYR B 274 8.87 -0.97 -18.04
C TYR B 274 10.38 -0.88 -18.13
N ILE B 275 10.87 -0.30 -19.22
CA ILE B 275 12.31 -0.07 -19.40
C ILE B 275 12.70 1.32 -18.94
N ILE B 276 13.61 1.38 -17.98
CA ILE B 276 14.05 2.63 -17.38
C ILE B 276 15.40 3.05 -17.95
N GLY B 277 15.52 4.33 -18.29
CA GLY B 277 16.73 4.85 -18.90
C GLY B 277 17.20 6.13 -18.24
N ASN B 278 18.51 6.35 -18.26
CA ASN B 278 19.07 7.58 -17.72
C ASN B 278 18.64 8.72 -18.61
N ILE B 279 18.21 9.81 -17.99
CA ILE B 279 17.64 10.93 -18.70
C ILE B 279 18.67 11.58 -19.65
N ASP B 280 19.95 11.49 -19.29
CA ASP B 280 21.04 12.07 -20.11
C ASP B 280 21.25 11.33 -21.45
N HIS B 281 20.93 10.04 -21.49
CA HIS B 281 21.12 9.24 -22.70
C HIS B 281 20.12 9.60 -23.82
N LEU B 282 19.06 10.31 -23.48
CA LEU B 282 18.16 10.87 -24.49
C LEU B 282 18.82 12.04 -25.24
N PRO B 283 18.50 12.21 -26.53
CA PRO B 283 18.87 13.45 -27.22
C PRO B 283 18.16 14.64 -26.59
N PRO B 284 18.91 15.68 -26.15
CA PRO B 284 18.35 16.90 -25.58
C PRO B 284 17.12 17.47 -26.34
N GLU B 285 17.11 17.33 -27.66
CA GLU B 285 15.99 17.83 -28.47
C GLU B 285 14.74 16.94 -28.37
N GLN B 286 14.92 15.64 -28.16
CA GLN B 286 13.77 14.74 -27.94
C GLN B 286 13.08 14.99 -26.58
N LEU B 287 13.89 15.17 -25.53
CA LEU B 287 13.38 15.45 -24.18
C LEU B 287 12.36 16.59 -24.17
N LYS B 288 12.56 17.56 -25.06
CA LYS B 288 11.62 18.68 -25.20
C LYS B 288 10.23 18.19 -25.64
N ILE B 289 10.08 17.86 -26.92
CA ILE B 289 8.79 17.50 -27.49
C ILE B 289 8.44 16.00 -27.31
N LEU B 290 8.36 15.53 -26.05
CA LEU B 290 7.94 14.14 -25.74
C LEU B 290 6.81 14.11 -24.71
N LYS B 291 5.58 13.92 -25.18
CA LYS B 291 4.40 13.77 -24.32
C LYS B 291 4.07 12.27 -24.08
N PRO B 292 3.65 11.91 -22.85
CA PRO B 292 3.38 10.49 -22.51
C PRO B 292 2.51 9.75 -23.53
N GLY B 293 3.14 8.92 -24.34
CA GLY B 293 2.44 8.19 -25.40
C GLY B 293 3.19 8.13 -26.72
N ASP B 294 4.12 9.07 -26.94
CA ASP B 294 4.83 9.17 -28.22
C ASP B 294 5.69 7.96 -28.52
N LYS B 295 5.77 7.60 -29.81
CA LYS B 295 6.54 6.44 -30.27
C LYS B 295 8.02 6.77 -30.30
N ILE B 296 8.76 6.30 -29.29
CA ILE B 296 10.21 6.52 -29.27
C ILE B 296 10.97 5.21 -29.41
N THR B 297 12.05 5.26 -30.17
CA THR B 297 13.04 4.20 -30.15
C THR B 297 14.22 4.78 -29.37
N PHE B 298 14.86 3.94 -28.58
CA PHE B 298 15.94 4.41 -27.74
C PHE B 298 17.02 3.32 -27.64
N THR B 299 18.26 3.71 -27.95
CA THR B 299 19.41 2.82 -27.86
C THR B 299 20.34 3.31 -26.73
N ALA B 300 20.56 2.45 -25.74
CA ALA B 300 21.42 2.80 -24.62
C ALA B 300 22.90 2.66 -24.99
N PRO B 301 23.72 3.69 -24.70
CA PRO B 301 25.16 3.64 -24.95
C PRO B 301 25.90 2.89 -23.84
N LYS B 302 27.23 2.93 -23.86
CA LYS B 302 28.06 2.29 -22.81
C LYS B 302 29.17 3.21 -22.33
NI NI C . -15.31 27.89 -24.40
NI NI D . 7.60 12.36 -6.04
CL CL E . -10.67 15.46 -2.14
NI NI F . -3.40 -37.73 4.90
NI NI G . 0.00 -6.42 13.33
CL CL H . 8.72 -15.64 0.17
#